data_6XT3
#
_entry.id   6XT3
#
_cell.length_a   118.110
_cell.length_b   63.360
_cell.length_c   74.694
_cell.angle_alpha   90.000
_cell.angle_beta   125.620
_cell.angle_gamma   90.000
#
_symmetry.space_group_name_H-M   'C 1 2 1'
#
loop_
_entity.id
_entity.type
_entity.pdbx_description
1 polymer 'Thiol:disulfide interchange protein DsbA'
2 non-polymer '3-[3-(carboxymethyl)-6-(3-methoxyphenyl)-1-benzofuran-2-yl]benzoic acid'
3 non-polymer 'COPPER (II) ION'
4 water water
#
_entity_poly.entity_id   1
_entity_poly.type   'polypeptide(L)'
_entity_poly.pdbx_seq_one_letter_code
;AQYEDGKQYTTLEKPVAGAPQVLEFFSFFCPHCYQFEEVLHISDNVKKKLPEGVKMTKYHVNFMGGDLGKDLTQAWAVAM
ALGVEDKVTVPLFEGVQKTQTIRSASDIRDVFINAGIKGEEYDAAWNSFVVKSLVAQQEKAAADVQLRGVPAMFVNGKYQ
LNPQGMDTSNMDVFVQQYADTVKYLSEKK
;
_entity_poly.pdbx_strand_id   A,B
#
# COMPACT_ATOMS: atom_id res chain seq x y z
N ALA A 1 0.64 -5.83 33.71
CA ALA A 1 1.55 -4.75 33.33
C ALA A 1 1.05 -4.02 32.09
N GLN A 2 1.43 -2.76 31.96
CA GLN A 2 1.02 -1.97 30.81
C GLN A 2 1.66 -2.51 29.52
N TYR A 3 2.91 -2.93 29.60
CA TYR A 3 3.60 -3.60 28.50
C TYR A 3 3.76 -5.07 28.87
N GLU A 4 3.31 -5.96 27.99
CA GLU A 4 3.32 -7.39 28.26
C GLU A 4 3.84 -8.17 27.06
N ASP A 5 4.66 -9.18 27.34
CA ASP A 5 5.21 -10.06 26.31
C ASP A 5 4.08 -10.82 25.62
N GLY A 6 3.86 -10.55 24.34
CA GLY A 6 2.76 -11.12 23.59
C GLY A 6 1.65 -10.13 23.28
N LYS A 7 1.72 -8.91 23.81
CA LYS A 7 0.73 -7.89 23.54
C LYS A 7 1.26 -6.89 22.52
N GLN A 8 2.13 -5.99 22.96
CA GLN A 8 2.77 -5.02 22.06
C GLN A 8 4.08 -5.53 21.49
N TYR A 9 4.63 -6.61 22.03
CA TYR A 9 5.91 -7.15 21.57
C TYR A 9 5.95 -8.63 21.89
N THR A 10 6.94 -9.31 21.31
CA THR A 10 7.19 -10.70 21.58
C THR A 10 8.69 -10.89 21.82
N THR A 11 9.03 -11.96 22.54
CA THR A 11 10.41 -12.26 22.87
C THR A 11 10.91 -13.41 22.00
N LEU A 12 12.13 -13.24 21.48
CA LEU A 12 12.73 -14.24 20.62
C LEU A 12 13.19 -15.44 21.44
N GLU A 13 12.76 -16.63 21.03
CA GLU A 13 13.17 -17.85 21.72
C GLU A 13 14.69 -17.94 21.80
N LYS A 14 15.37 -17.76 20.67
CA LYS A 14 16.83 -17.77 20.62
C LYS A 14 17.32 -16.35 20.40
N PRO A 15 17.74 -15.64 21.46
CA PRO A 15 18.20 -14.26 21.27
C PRO A 15 19.39 -14.18 20.34
N VAL A 16 19.51 -13.05 19.65
CA VAL A 16 20.58 -12.80 18.69
C VAL A 16 21.60 -11.87 19.35
N ALA A 17 22.86 -12.27 19.36
CA ALA A 17 23.91 -11.53 20.04
C ALA A 17 24.56 -10.52 19.11
N GLY A 18 24.79 -9.32 19.63
CA GLY A 18 25.47 -8.28 18.88
C GLY A 18 24.68 -7.62 17.79
N ALA A 19 23.36 -7.84 17.74
CA ALA A 19 22.55 -7.25 16.70
C ALA A 19 22.40 -5.75 16.90
N PRO A 20 21.95 -5.03 15.87
CA PRO A 20 21.71 -3.59 16.03
C PRO A 20 20.68 -3.32 17.12
N GLN A 21 20.80 -2.16 17.75
CA GLN A 21 19.89 -1.81 18.83
C GLN A 21 18.45 -1.77 18.35
N VAL A 22 18.20 -1.11 17.23
CA VAL A 22 16.89 -1.08 16.60
C VAL A 22 17.07 -1.49 15.15
N LEU A 23 16.47 -2.62 14.77
CA LEU A 23 16.63 -3.18 13.43
C LEU A 23 15.24 -3.47 12.86
N GLU A 24 14.92 -2.80 11.77
CA GLU A 24 13.66 -3.03 11.08
C GLU A 24 13.92 -3.54 9.67
N PHE A 25 13.07 -4.47 9.23
CA PHE A 25 13.16 -5.05 7.90
C PHE A 25 11.96 -4.59 7.07
N PHE A 26 12.19 -4.46 5.77
CA PHE A 26 11.14 -3.97 4.88
C PHE A 26 11.40 -4.48 3.48
N SER A 27 10.39 -4.31 2.62
CA SER A 27 10.47 -4.66 1.22
C SER A 27 9.75 -3.58 0.42
N PHE A 28 10.37 -3.11 -0.67
CA PHE A 28 9.68 -2.17 -1.54
C PHE A 28 8.49 -2.81 -2.24
N PHE A 29 8.33 -4.13 -2.15
CA PHE A 29 7.16 -4.84 -2.66
C PHE A 29 6.07 -5.00 -1.61
N CYS A 30 6.38 -4.69 -0.36
CA CYS A 30 5.50 -4.95 0.78
C CYS A 30 4.50 -3.82 0.95
N PRO A 31 3.20 -4.05 0.73
CA PRO A 31 2.24 -2.94 0.85
C PRO A 31 2.20 -2.32 2.24
N HIS A 32 2.29 -3.13 3.29
CA HIS A 32 2.31 -2.57 4.64
C HIS A 32 3.52 -1.67 4.84
N CYS A 33 4.66 -2.07 4.24
CA CYS A 33 5.89 -1.28 4.36
C CYS A 33 5.75 0.06 3.66
N TYR A 34 5.04 0.10 2.53
CA TYR A 34 4.69 1.37 1.90
C TYR A 34 3.93 2.28 2.87
N GLN A 35 2.88 1.75 3.50
CA GLN A 35 2.14 2.52 4.49
C GLN A 35 3.04 2.95 5.64
N PHE A 36 3.91 2.03 6.11
CA PHE A 36 4.81 2.36 7.21
C PHE A 36 5.68 3.57 6.89
N GLU A 37 6.14 3.66 5.64
CA GLU A 37 7.16 4.64 5.27
C GLU A 37 6.56 5.94 4.76
N GLU A 38 5.56 5.86 3.88
CA GLU A 38 5.05 7.06 3.22
C GLU A 38 3.86 7.68 3.93
N VAL A 39 3.02 6.87 4.56
CA VAL A 39 1.82 7.38 5.24
C VAL A 39 2.06 7.57 6.73
N LEU A 40 2.69 6.59 7.38
CA LEU A 40 2.91 6.66 8.83
C LEU A 40 4.27 7.22 9.21
N HIS A 41 5.28 7.07 8.34
CA HIS A 41 6.64 7.49 8.66
C HIS A 41 7.07 6.91 10.00
N ILE A 42 6.89 5.60 10.14
CA ILE A 42 7.12 4.94 11.43
C ILE A 42 8.57 5.13 11.86
N SER A 43 9.52 4.85 10.97
CA SER A 43 10.93 4.87 11.35
C SER A 43 11.34 6.23 11.91
N ASP A 44 10.95 7.31 11.23
N ASP A 44 10.95 7.31 11.23
CA ASP A 44 11.32 8.64 11.69
CA ASP A 44 11.32 8.64 11.69
C ASP A 44 10.67 8.97 13.02
C ASP A 44 10.68 8.97 13.03
N ASN A 45 9.46 8.48 13.27
CA ASN A 45 8.81 8.73 14.56
C ASN A 45 9.42 7.89 15.66
N VAL A 46 9.86 6.67 15.34
CA VAL A 46 10.60 5.87 16.32
C VAL A 46 11.93 6.55 16.65
N LYS A 47 12.61 7.08 15.63
CA LYS A 47 13.91 7.69 15.84
C LYS A 47 13.79 8.93 16.73
N LYS A 48 12.72 9.71 16.56
CA LYS A 48 12.55 10.92 17.35
C LYS A 48 12.30 10.65 18.83
N LYS A 49 11.98 9.41 19.20
CA LYS A 49 11.72 9.06 20.59
C LYS A 49 12.85 8.28 21.24
N LEU A 50 13.88 7.91 20.49
CA LEU A 50 15.03 7.22 21.05
C LEU A 50 16.11 8.23 21.43
N PRO A 51 16.99 7.88 22.36
CA PRO A 51 18.08 8.79 22.73
C PRO A 51 18.93 9.15 21.50
N GLU A 52 19.12 10.45 21.31
CA GLU A 52 19.90 10.93 20.17
C GLU A 52 21.26 10.24 20.11
N GLY A 53 21.63 9.77 18.92
CA GLY A 53 22.82 9.00 18.72
C GLY A 53 22.60 7.50 18.71
N VAL A 54 21.39 7.04 19.01
CA VAL A 54 21.10 5.61 18.99
C VAL A 54 21.25 5.09 17.57
N LYS A 55 21.54 3.80 17.47
CA LYS A 55 21.74 3.14 16.18
C LYS A 55 20.41 2.60 15.67
N MET A 56 19.98 3.11 14.50
CA MET A 56 18.78 2.63 13.82
C MET A 56 19.18 2.04 12.49
N THR A 57 18.95 0.74 12.32
CA THR A 57 19.33 0.02 11.11
C THR A 57 18.07 -0.45 10.37
N LYS A 58 18.09 -0.30 9.05
CA LYS A 58 16.98 -0.71 8.19
C LYS A 58 17.53 -1.54 7.04
N TYR A 59 17.01 -2.77 6.89
CA TYR A 59 17.49 -3.69 5.89
C TYR A 59 16.36 -4.12 4.97
N HIS A 60 16.70 -4.39 3.71
CA HIS A 60 15.76 -4.93 2.75
C HIS A 60 15.78 -6.45 2.79
N VAL A 61 14.70 -7.07 2.31
CA VAL A 61 14.55 -8.51 2.35
C VAL A 61 14.33 -9.05 0.95
N ASN A 62 14.61 -10.34 0.78
CA ASN A 62 14.56 -10.99 -0.52
C ASN A 62 13.24 -11.69 -0.81
N PHE A 63 12.50 -12.11 0.21
CA PHE A 63 11.42 -13.08 0.03
C PHE A 63 10.15 -12.49 -0.56
N MET A 64 10.24 -11.30 -1.15
CA MET A 64 9.12 -10.70 -1.88
C MET A 64 9.62 -10.17 -3.22
N GLY A 65 8.88 -10.48 -4.28
CA GLY A 65 9.20 -10.00 -5.60
C GLY A 65 10.15 -10.84 -6.40
N GLY A 66 10.53 -12.01 -5.90
CA GLY A 66 11.41 -12.91 -6.64
C GLY A 66 12.67 -12.25 -7.15
N ASP A 67 12.87 -12.30 -8.47
CA ASP A 67 14.07 -11.72 -9.08
C ASP A 67 14.24 -10.25 -8.69
N LEU A 68 13.20 -9.45 -8.95
CA LEU A 68 13.28 -8.02 -8.64
C LEU A 68 13.53 -7.79 -7.16
N GLY A 69 12.93 -8.61 -6.30
CA GLY A 69 13.15 -8.46 -4.87
C GLY A 69 14.60 -8.59 -4.47
N LYS A 70 15.35 -9.44 -5.16
CA LYS A 70 16.79 -9.57 -4.88
C LYS A 70 17.55 -8.38 -5.45
N ASP A 71 17.16 -7.90 -6.64
CA ASP A 71 17.77 -6.69 -7.16
C ASP A 71 17.56 -5.51 -6.22
N LEU A 72 16.38 -5.42 -5.61
CA LEU A 72 16.10 -4.31 -4.70
C LEU A 72 16.94 -4.40 -3.43
N THR A 73 17.23 -5.62 -2.96
CA THR A 73 18.12 -5.75 -1.81
C THR A 73 19.53 -5.28 -2.15
N GLN A 74 20.00 -5.62 -3.36
CA GLN A 74 21.31 -5.13 -3.79
C GLN A 74 21.28 -3.62 -4.01
N ALA A 75 20.15 -3.09 -4.51
CA ALA A 75 20.03 -1.65 -4.70
C ALA A 75 19.99 -0.93 -3.35
N TRP A 76 19.34 -1.53 -2.35
CA TRP A 76 19.36 -0.94 -1.01
C TRP A 76 20.77 -0.96 -0.44
N ALA A 77 21.52 -2.04 -0.69
CA ALA A 77 22.92 -2.07 -0.28
C ALA A 77 23.71 -0.94 -0.94
N VAL A 78 23.41 -0.64 -2.20
CA VAL A 78 24.05 0.50 -2.87
C VAL A 78 23.65 1.79 -2.17
N ALA A 79 22.35 1.94 -1.87
CA ALA A 79 21.90 3.14 -1.17
C ALA A 79 22.59 3.29 0.18
N MET A 80 22.78 2.18 0.89
CA MET A 80 23.45 2.24 2.19
C MET A 80 24.93 2.58 2.03
N ALA A 81 25.59 2.02 1.02
CA ALA A 81 27.01 2.29 0.82
C ALA A 81 27.24 3.76 0.44
N LEU A 82 26.39 4.31 -0.44
CA LEU A 82 26.53 5.70 -0.85
C LEU A 82 25.88 6.67 0.11
N GLY A 83 25.11 6.18 1.09
CA GLY A 83 24.42 7.06 2.01
C GLY A 83 23.34 7.91 1.35
N VAL A 84 22.59 7.34 0.42
CA VAL A 84 21.54 8.08 -0.28
C VAL A 84 20.19 7.45 -0.01
N GLU A 85 20.02 6.85 1.17
CA GLU A 85 18.75 6.24 1.52
C GLU A 85 17.61 7.26 1.45
N ASP A 86 17.83 8.45 2.00
CA ASP A 86 16.79 9.48 2.03
C ASP A 86 16.46 10.02 0.66
N LYS A 87 17.24 9.71 -0.37
CA LYS A 87 16.99 10.20 -1.71
C LYS A 87 16.23 9.21 -2.59
N VAL A 88 16.32 7.92 -2.30
CA VAL A 88 15.75 6.89 -3.17
C VAL A 88 14.60 6.12 -2.52
N THR A 89 14.37 6.30 -1.22
CA THR A 89 13.33 5.52 -0.55
C THR A 89 11.96 5.79 -1.16
N VAL A 90 11.60 7.06 -1.30
CA VAL A 90 10.29 7.44 -1.82
C VAL A 90 10.13 6.97 -3.25
N PRO A 91 11.00 7.39 -4.18
CA PRO A 91 10.83 6.97 -5.58
C PRO A 91 10.80 5.46 -5.75
N LEU A 92 11.57 4.71 -4.96
CA LEU A 92 11.56 3.25 -5.08
C LEU A 92 10.21 2.69 -4.67
N PHE A 93 9.70 3.12 -3.51
CA PHE A 93 8.38 2.67 -3.08
C PHE A 93 7.33 3.00 -4.12
N GLU A 94 7.34 4.22 -4.63
CA GLU A 94 6.31 4.62 -5.59
C GLU A 94 6.54 3.97 -6.96
N GLY A 95 7.81 3.81 -7.34
CA GLY A 95 8.10 3.12 -8.59
C GLY A 95 7.57 1.70 -8.60
N VAL A 96 7.67 1.01 -7.46
CA VAL A 96 7.24 -0.38 -7.38
C VAL A 96 5.73 -0.48 -7.16
N GLN A 97 5.18 0.36 -6.28
CA GLN A 97 3.82 0.17 -5.80
C GLN A 97 2.81 1.19 -6.34
N LYS A 98 3.22 2.43 -6.59
CA LYS A 98 2.27 3.43 -7.07
C LYS A 98 2.19 3.47 -8.59
N THR A 99 3.29 3.82 -9.26
CA THR A 99 3.32 3.88 -10.71
C THR A 99 3.62 2.53 -11.34
N GLN A 100 4.26 1.63 -10.62
CA GLN A 100 4.64 0.32 -11.15
C GLN A 100 5.46 0.46 -12.42
N THR A 101 6.39 1.41 -12.41
CA THR A 101 7.33 1.61 -13.49
C THR A 101 8.67 0.94 -13.23
N ILE A 102 8.81 0.23 -12.12
CA ILE A 102 10.03 -0.50 -11.78
C ILE A 102 9.76 -1.97 -12.02
N ARG A 103 10.34 -2.52 -13.09
CA ARG A 103 10.17 -3.92 -13.42
C ARG A 103 11.50 -4.62 -13.72
N SER A 104 12.62 -3.90 -13.66
CA SER A 104 13.92 -4.47 -13.99
C SER A 104 14.97 -3.78 -13.15
N ALA A 105 16.18 -4.37 -13.12
CA ALA A 105 17.29 -3.74 -12.43
C ALA A 105 17.63 -2.39 -13.04
N SER A 106 17.45 -2.24 -14.35
CA SER A 106 17.73 -0.95 -15.00
C SER A 106 16.72 0.10 -14.57
N ASP A 107 15.46 -0.30 -14.37
CA ASP A 107 14.47 0.64 -13.87
C ASP A 107 14.82 1.10 -12.46
N ILE A 108 15.29 0.18 -11.61
CA ILE A 108 15.80 0.57 -10.31
C ILE A 108 16.94 1.57 -10.47
N ARG A 109 17.89 1.26 -11.35
CA ARG A 109 19.00 2.17 -11.61
C ARG A 109 18.51 3.55 -12.04
N ASP A 110 17.44 3.59 -12.84
CA ASP A 110 16.90 4.87 -13.29
C ASP A 110 16.53 5.77 -12.11
N VAL A 111 15.99 5.17 -11.04
CA VAL A 111 15.61 5.95 -9.88
C VAL A 111 16.82 6.64 -9.26
N PHE A 112 17.94 5.93 -9.19
CA PHE A 112 19.15 6.53 -8.64
C PHE A 112 19.68 7.64 -9.55
N ILE A 113 19.70 7.39 -10.86
CA ILE A 113 20.16 8.41 -11.80
C ILE A 113 19.30 9.66 -11.67
N ASN A 114 17.98 9.50 -11.67
CA ASN A 114 17.09 10.64 -11.52
C ASN A 114 17.32 11.34 -10.19
N ALA A 115 17.71 10.60 -9.15
CA ALA A 115 17.95 11.17 -7.83
C ALA A 115 19.29 11.90 -7.73
N GLY A 116 20.12 11.86 -8.77
CA GLY A 116 21.38 12.57 -8.77
C GLY A 116 22.61 11.71 -8.60
N ILE A 117 22.46 10.40 -8.41
CA ILE A 117 23.62 9.52 -8.30
C ILE A 117 24.20 9.32 -9.69
N LYS A 118 25.50 9.61 -9.84
CA LYS A 118 26.15 9.48 -11.13
C LYS A 118 26.09 8.03 -11.62
N GLY A 119 25.98 7.88 -12.94
CA GLY A 119 25.90 6.57 -13.54
C GLY A 119 27.06 5.67 -13.19
N GLU A 120 28.29 6.09 -13.56
CA GLU A 120 29.47 5.33 -13.19
C GLU A 120 29.52 5.11 -11.68
N GLU A 121 29.08 6.10 -10.90
CA GLU A 121 29.06 5.97 -9.45
C GLU A 121 28.16 4.81 -9.02
N TYR A 122 26.96 4.72 -9.61
CA TYR A 122 26.02 3.67 -9.23
C TYR A 122 26.50 2.30 -9.69
N ASP A 123 27.01 2.20 -10.92
CA ASP A 123 27.43 0.91 -11.44
C ASP A 123 28.64 0.39 -10.69
N ALA A 124 29.57 1.28 -10.31
CA ALA A 124 30.73 0.84 -9.55
C ALA A 124 30.33 0.26 -8.19
N ALA A 125 29.41 0.93 -7.49
CA ALA A 125 28.93 0.40 -6.22
C ALA A 125 28.13 -0.88 -6.43
N TRP A 126 27.32 -0.94 -7.49
CA TRP A 126 26.51 -2.13 -7.74
C TRP A 126 27.35 -3.38 -7.82
N ASN A 127 28.48 -3.31 -8.53
CA ASN A 127 29.36 -4.45 -8.72
C ASN A 127 30.46 -4.55 -7.68
N SER A 128 30.49 -3.66 -6.70
CA SER A 128 31.54 -3.64 -5.70
C SER A 128 31.37 -4.78 -4.70
N PHE A 129 32.50 -5.29 -4.20
CA PHE A 129 32.43 -6.31 -3.16
C PHE A 129 31.99 -5.74 -1.83
N VAL A 130 32.15 -4.43 -1.61
CA VAL A 130 31.57 -3.79 -0.44
C VAL A 130 30.06 -3.95 -0.45
N VAL A 131 29.44 -3.78 -1.61
CA VAL A 131 27.99 -3.93 -1.70
C VAL A 131 27.59 -5.39 -1.51
N LYS A 132 28.38 -6.32 -2.06
CA LYS A 132 28.05 -7.73 -1.90
C LYS A 132 28.08 -8.14 -0.43
N SER A 133 29.02 -7.59 0.34
CA SER A 133 29.06 -7.85 1.77
C SER A 133 27.85 -7.23 2.47
N LEU A 134 27.47 -6.01 2.06
CA LEU A 134 26.28 -5.39 2.63
C LEU A 134 25.04 -6.21 2.33
N VAL A 135 24.98 -6.83 1.15
CA VAL A 135 23.87 -7.74 0.85
C VAL A 135 23.88 -8.91 1.81
N ALA A 136 25.06 -9.49 2.04
CA ALA A 136 25.16 -10.61 2.97
C ALA A 136 24.76 -10.19 4.38
N GLN A 137 25.16 -8.98 4.81
CA GLN A 137 24.75 -8.49 6.11
C GLN A 137 23.23 -8.50 6.26
N GLN A 138 22.53 -7.92 5.28
CA GLN A 138 21.08 -7.88 5.34
C GLN A 138 20.49 -9.28 5.42
N GLU A 139 20.99 -10.19 4.58
CA GLU A 139 20.50 -11.57 4.60
C GLU A 139 20.79 -12.24 5.93
N LYS A 140 22.01 -12.07 6.45
CA LYS A 140 22.34 -12.68 7.74
C LYS A 140 21.44 -12.15 8.85
N ALA A 141 21.18 -10.85 8.86
CA ALA A 141 20.33 -10.28 9.89
C ALA A 141 18.93 -10.89 9.85
N ALA A 142 18.35 -10.99 8.65
CA ALA A 142 17.03 -11.60 8.53
C ALA A 142 17.08 -13.08 8.93
N ALA A 143 18.12 -13.79 8.51
CA ALA A 143 18.25 -15.20 8.88
C ALA A 143 18.39 -15.37 10.38
N ASP A 144 19.12 -14.46 11.03
CA ASP A 144 19.36 -14.59 12.47
C ASP A 144 18.06 -14.60 13.25
N VAL A 145 17.08 -13.79 12.84
CA VAL A 145 15.81 -13.70 13.54
C VAL A 145 14.74 -14.55 12.89
N GLN A 146 15.10 -15.38 11.91
CA GLN A 146 14.15 -16.24 11.20
C GLN A 146 12.97 -15.40 10.69
N LEU A 147 13.30 -14.37 9.93
CA LEU A 147 12.30 -13.42 9.47
C LEU A 147 11.43 -14.06 8.38
N ARG A 148 10.13 -14.08 8.62
CA ARG A 148 9.18 -14.63 7.66
C ARG A 148 8.17 -13.60 7.17
N GLY A 149 8.21 -12.37 7.67
CA GLY A 149 7.25 -11.35 7.26
C GLY A 149 7.76 -9.97 7.52
N VAL A 150 7.30 -9.02 6.71
CA VAL A 150 7.61 -7.60 6.88
C VAL A 150 6.33 -6.80 6.72
N PRO A 151 6.31 -5.57 7.25
CA PRO A 151 7.41 -4.95 7.98
C PRO A 151 7.63 -5.58 9.35
N ALA A 152 8.85 -5.44 9.89
CA ALA A 152 9.18 -5.99 11.18
C ALA A 152 10.27 -5.13 11.81
N MET A 153 10.27 -5.08 13.14
CA MET A 153 11.28 -4.33 13.88
C MET A 153 11.69 -5.14 15.11
N PHE A 154 13.00 -5.21 15.33
CA PHE A 154 13.56 -5.91 16.48
C PHE A 154 14.41 -4.94 17.30
N VAL A 155 14.44 -5.17 18.61
CA VAL A 155 15.16 -4.31 19.54
C VAL A 155 16.22 -5.14 20.25
N ASN A 156 17.49 -4.79 20.04
CA ASN A 156 18.61 -5.47 20.67
C ASN A 156 18.61 -6.96 20.36
N GLY A 157 18.04 -7.35 19.22
CA GLY A 157 18.03 -8.74 18.83
C GLY A 157 17.37 -9.67 19.84
N LYS A 158 16.38 -9.18 20.58
CA LYS A 158 15.68 -10.00 21.55
C LYS A 158 14.18 -9.77 21.62
N TYR A 159 13.68 -8.62 21.18
CA TYR A 159 12.25 -8.31 21.22
C TYR A 159 11.78 -7.92 19.83
N GLN A 160 10.59 -8.39 19.47
CA GLN A 160 10.00 -8.14 18.16
C GLN A 160 8.69 -7.39 18.35
N LEU A 161 8.56 -6.26 17.64
CA LEU A 161 7.35 -5.46 17.76
C LEU A 161 6.14 -6.26 17.29
N ASN A 162 5.00 -5.99 17.93
CA ASN A 162 3.73 -6.64 17.60
C ASN A 162 2.72 -5.56 17.22
N PRO A 163 2.74 -5.10 15.96
CA PRO A 163 1.80 -4.05 15.55
C PRO A 163 0.35 -4.48 15.61
N GLN A 164 0.07 -5.77 15.77
CA GLN A 164 -1.32 -6.23 15.86
C GLN A 164 -1.97 -5.84 17.18
N GLY A 165 -1.18 -5.50 18.19
CA GLY A 165 -1.73 -5.15 19.49
C GLY A 165 -1.84 -3.65 19.70
N MET A 166 -2.24 -2.92 18.65
CA MET A 166 -2.39 -1.48 18.73
C MET A 166 -3.64 -1.06 17.98
N ASP A 167 -4.07 0.17 18.25
CA ASP A 167 -5.30 0.71 17.66
C ASP A 167 -4.98 1.39 16.35
N THR A 168 -5.73 1.06 15.30
CA THR A 168 -5.61 1.68 14.00
C THR A 168 -6.76 2.65 13.73
N SER A 169 -7.44 3.10 14.79
CA SER A 169 -8.47 4.11 14.63
C SER A 169 -7.90 5.43 14.16
N ASN A 170 -6.67 5.75 14.57
CA ASN A 170 -6.06 7.04 14.33
C ASN A 170 -4.63 6.83 13.84
N MET A 171 -4.28 7.45 12.71
CA MET A 171 -2.93 7.31 12.18
C MET A 171 -1.90 7.71 13.22
N ASP A 172 -2.09 8.86 13.86
CA ASP A 172 -1.09 9.40 14.77
C ASP A 172 -1.00 8.58 16.05
N VAL A 173 -2.15 8.08 16.53
CA VAL A 173 -2.14 7.27 17.75
C VAL A 173 -1.37 5.98 17.53
N PHE A 174 -1.62 5.31 16.41
CA PHE A 174 -0.91 4.07 16.09
C PHE A 174 0.59 4.29 16.10
N VAL A 175 1.05 5.34 15.39
CA VAL A 175 2.48 5.63 15.33
C VAL A 175 3.04 5.89 16.73
N GLN A 176 2.31 6.67 17.53
CA GLN A 176 2.83 7.05 18.85
C GLN A 176 3.06 5.83 19.74
N GLN A 177 2.06 4.95 19.81
CA GLN A 177 2.20 3.76 20.65
C GLN A 177 3.27 2.83 20.12
N TYR A 178 3.37 2.70 18.80
CA TYR A 178 4.48 1.93 18.21
C TYR A 178 5.82 2.47 18.67
N ALA A 179 6.02 3.79 18.53
CA ALA A 179 7.29 4.39 18.92
C ALA A 179 7.53 4.28 20.41
N ASP A 180 6.49 4.44 21.23
CA ASP A 180 6.66 4.32 22.67
C ASP A 180 7.07 2.91 23.06
N THR A 181 6.53 1.91 22.38
CA THR A 181 6.91 0.52 22.65
C THR A 181 8.39 0.29 22.35
N VAL A 182 8.87 0.82 21.23
CA VAL A 182 10.29 0.70 20.90
C VAL A 182 11.14 1.35 21.98
N LYS A 183 10.73 2.53 22.46
CA LYS A 183 11.45 3.19 23.54
C LYS A 183 11.48 2.32 24.79
N TYR A 184 10.30 1.84 25.20
CA TYR A 184 10.23 0.98 26.38
C TYR A 184 11.15 -0.22 26.25
N LEU A 185 11.11 -0.89 25.09
CA LEU A 185 11.94 -2.08 24.91
C LEU A 185 13.42 -1.73 24.93
N SER A 186 13.82 -0.64 24.27
CA SER A 186 15.22 -0.25 24.23
C SER A 186 15.75 0.08 25.63
N GLU A 187 14.88 0.42 26.57
CA GLU A 187 15.29 0.70 27.93
C GLU A 187 15.26 -0.54 28.83
N LYS A 188 14.76 -1.66 28.33
CA LYS A 188 14.75 -2.90 29.09
C LYS A 188 16.16 -3.43 29.26
N ALA B 1 -6.34 -15.80 -30.42
CA ALA B 1 -6.86 -14.53 -30.89
C ALA B 1 -6.33 -13.36 -30.06
N GLN B 2 -6.98 -12.21 -30.17
CA GLN B 2 -6.54 -11.02 -29.45
C GLN B 2 -6.68 -11.20 -27.94
N TYR B 3 -7.89 -11.52 -27.48
CA TYR B 3 -8.16 -11.66 -26.05
C TYR B 3 -8.01 -13.12 -25.64
N GLU B 4 -7.03 -13.37 -24.77
CA GLU B 4 -6.72 -14.71 -24.30
C GLU B 4 -6.86 -14.76 -22.79
N ASP B 5 -7.60 -15.75 -22.30
CA ASP B 5 -7.77 -15.92 -20.86
C ASP B 5 -6.41 -16.07 -20.18
N GLY B 6 -6.21 -15.31 -19.10
CA GLY B 6 -4.94 -15.26 -18.42
C GLY B 6 -4.01 -14.18 -18.92
N LYS B 7 -4.29 -13.60 -20.08
CA LYS B 7 -3.50 -12.47 -20.58
C LYS B 7 -4.09 -11.16 -20.07
N GLN B 8 -5.12 -10.66 -20.75
CA GLN B 8 -5.77 -9.42 -20.36
C GLN B 8 -6.80 -9.61 -19.24
N TYR B 9 -7.14 -10.84 -18.91
CA TYR B 9 -8.20 -11.09 -17.92
C TYR B 9 -8.09 -12.51 -17.42
N THR B 10 -8.84 -12.79 -16.36
CA THR B 10 -8.98 -14.14 -15.81
C THR B 10 -10.45 -14.42 -15.57
N THR B 11 -10.77 -15.71 -15.46
CA THR B 11 -12.14 -16.16 -15.32
C THR B 11 -12.36 -16.74 -13.92
N LEU B 12 -13.37 -16.22 -13.23
CA LEU B 12 -13.67 -16.67 -11.87
C LEU B 12 -14.07 -18.14 -11.87
N GLU B 13 -13.46 -18.91 -10.97
CA GLU B 13 -13.80 -20.32 -10.87
C GLU B 13 -15.24 -20.51 -10.39
N LYS B 14 -15.66 -19.72 -9.41
CA LYS B 14 -17.01 -19.78 -8.85
C LYS B 14 -17.69 -18.44 -9.10
N PRO B 15 -18.37 -18.27 -10.22
CA PRO B 15 -19.00 -16.98 -10.52
C PRO B 15 -20.06 -16.63 -9.51
N VAL B 16 -20.34 -15.33 -9.40
CA VAL B 16 -21.32 -14.80 -8.47
C VAL B 16 -22.53 -14.31 -9.25
N ALA B 17 -23.73 -14.61 -8.74
CA ALA B 17 -24.96 -14.21 -9.39
C ALA B 17 -25.44 -12.86 -8.88
N GLY B 18 -26.01 -12.07 -9.77
CA GLY B 18 -26.52 -10.76 -9.40
C GLY B 18 -25.47 -9.69 -9.20
N ALA B 19 -24.24 -9.92 -9.63
CA ALA B 19 -23.19 -8.93 -9.46
C ALA B 19 -23.37 -7.78 -10.46
N PRO B 20 -22.86 -6.60 -10.13
CA PRO B 20 -22.98 -5.47 -11.07
C PRO B 20 -22.28 -5.77 -12.38
N GLN B 21 -22.73 -5.09 -13.44
CA GLN B 21 -22.13 -5.29 -14.76
C GLN B 21 -20.64 -5.00 -14.72
N VAL B 22 -20.26 -3.88 -14.11
CA VAL B 22 -18.87 -3.48 -13.98
C VAL B 22 -18.66 -3.05 -12.53
N LEU B 23 -17.91 -3.84 -11.78
CA LEU B 23 -17.68 -3.59 -10.35
C LEU B 23 -16.20 -3.30 -10.14
N GLU B 24 -15.90 -2.12 -9.60
CA GLU B 24 -14.53 -1.69 -9.33
C GLU B 24 -14.34 -1.56 -7.83
N PHE B 25 -13.25 -2.12 -7.32
CA PHE B 25 -12.89 -2.02 -5.92
C PHE B 25 -11.66 -1.13 -5.75
N PHE B 26 -11.62 -0.40 -4.65
CA PHE B 26 -10.51 0.50 -4.38
C PHE B 26 -10.45 0.80 -2.89
N SER B 27 -9.37 1.46 -2.49
CA SER B 27 -9.21 1.97 -1.14
C SER B 27 -8.45 3.28 -1.21
N PHE B 28 -8.85 4.25 -0.39
CA PHE B 28 -8.14 5.52 -0.36
C PHE B 28 -6.72 5.37 0.19
N PHE B 29 -6.39 4.22 0.76
CA PHE B 29 -5.03 3.94 1.20
C PHE B 29 -4.17 3.35 0.10
N CYS B 30 -4.76 2.58 -0.80
CA CYS B 30 -4.06 1.87 -1.87
C CYS B 30 -3.44 2.86 -2.84
N PRO B 31 -2.11 2.91 -2.94
CA PRO B 31 -1.47 3.91 -3.82
C PRO B 31 -1.67 3.62 -5.29
N HIS B 32 -1.72 2.35 -5.70
CA HIS B 32 -1.98 2.04 -7.10
C HIS B 32 -3.39 2.45 -7.50
N CYS B 33 -4.35 2.34 -6.59
CA CYS B 33 -5.70 2.83 -6.88
C CYS B 33 -5.69 4.33 -7.13
N TYR B 34 -4.94 5.08 -6.32
CA TYR B 34 -4.76 6.50 -6.56
C TYR B 34 -4.24 6.75 -7.97
N GLN B 35 -3.25 5.96 -8.39
CA GLN B 35 -2.70 6.11 -9.74
C GLN B 35 -3.74 5.78 -10.80
N PHE B 36 -4.51 4.70 -10.58
CA PHE B 36 -5.53 4.31 -11.55
C PHE B 36 -6.55 5.41 -11.76
N GLU B 37 -7.08 5.98 -10.67
CA GLU B 37 -8.21 6.90 -10.78
C GLU B 37 -7.78 8.29 -11.20
N GLU B 38 -6.74 8.83 -10.56
CA GLU B 38 -6.41 10.24 -10.71
C GLU B 38 -5.29 10.52 -11.71
N VAL B 39 -4.48 9.52 -12.05
CA VAL B 39 -3.36 9.70 -12.97
C VAL B 39 -3.65 9.08 -14.33
N LEU B 40 -3.92 7.76 -14.35
CA LEU B 40 -4.23 7.08 -15.61
C LEU B 40 -5.65 7.31 -16.08
N HIS B 41 -6.56 7.68 -15.17
CA HIS B 41 -7.98 7.87 -15.52
C HIS B 41 -8.56 6.59 -16.10
N ILE B 42 -8.30 5.47 -15.42
CA ILE B 42 -8.77 4.18 -15.90
C ILE B 42 -10.29 4.17 -16.00
N SER B 43 -10.97 4.54 -14.91
CA SER B 43 -12.44 4.52 -14.91
C SER B 43 -12.99 5.46 -15.99
N ASP B 44 -12.37 6.62 -16.16
CA ASP B 44 -12.82 7.56 -17.19
C ASP B 44 -12.77 6.93 -18.57
N ASN B 45 -11.65 6.29 -18.90
CA ASN B 45 -11.51 5.69 -20.23
C ASN B 45 -12.38 4.45 -20.38
N VAL B 46 -12.62 3.72 -19.28
CA VAL B 46 -13.54 2.58 -19.33
C VAL B 46 -14.96 3.07 -19.61
N LYS B 47 -15.39 4.11 -18.89
CA LYS B 47 -16.75 4.61 -19.07
C LYS B 47 -16.98 5.10 -20.49
N LYS B 48 -15.98 5.75 -21.08
CA LYS B 48 -16.15 6.32 -22.42
C LYS B 48 -16.37 5.25 -23.49
N LYS B 49 -16.00 4.00 -23.21
CA LYS B 49 -16.13 2.94 -24.20
C LYS B 49 -17.18 1.89 -23.83
N LEU B 50 -17.82 2.03 -22.68
CA LEU B 50 -18.82 1.06 -22.28
C LEU B 50 -20.07 1.17 -23.17
N PRO B 51 -20.72 0.05 -23.46
CA PRO B 51 -21.88 0.07 -24.37
C PRO B 51 -22.93 1.10 -23.98
N GLU B 52 -23.13 2.12 -24.80
CA GLU B 52 -24.09 3.17 -24.49
C GLU B 52 -23.87 3.73 -23.10
N GLY B 53 -24.97 3.86 -22.35
CA GLY B 53 -24.91 4.37 -21.01
C GLY B 53 -25.01 3.30 -19.95
N VAL B 54 -24.02 2.40 -19.88
CA VAL B 54 -24.06 1.32 -18.90
C VAL B 54 -23.64 1.84 -17.53
N LYS B 55 -23.96 1.06 -16.50
CA LYS B 55 -23.71 1.45 -15.12
C LYS B 55 -22.36 0.93 -14.65
N MET B 56 -21.57 1.81 -14.04
CA MET B 56 -20.28 1.45 -13.46
C MET B 56 -20.39 1.58 -11.95
N THR B 57 -20.08 0.51 -11.23
CA THR B 57 -20.19 0.47 -9.78
C THR B 57 -18.79 0.45 -9.18
N LYS B 58 -18.58 1.27 -8.14
CA LYS B 58 -17.30 1.35 -7.45
C LYS B 58 -17.54 1.24 -5.95
N TYR B 59 -16.81 0.34 -5.29
CA TYR B 59 -16.93 0.10 -3.87
C TYR B 59 -15.59 0.27 -3.18
N HIS B 60 -15.64 0.67 -1.92
CA HIS B 60 -14.47 0.80 -1.06
C HIS B 60 -14.32 -0.45 -0.20
N VAL B 61 -13.08 -0.76 0.18
CA VAL B 61 -12.78 -1.98 0.91
C VAL B 61 -12.06 -1.64 2.21
N ASN B 62 -12.28 -2.47 3.23
CA ASN B 62 -11.78 -2.22 4.57
C ASN B 62 -10.38 -2.76 4.83
N PHE B 63 -9.90 -3.69 4.01
CA PHE B 63 -8.67 -4.41 4.36
C PHE B 63 -7.41 -3.59 4.10
N MET B 64 -7.51 -2.27 4.21
CA MET B 64 -6.35 -1.40 4.09
C MET B 64 -6.52 -0.22 5.04
N GLY B 65 -5.52 -0.01 5.89
CA GLY B 65 -5.57 1.09 6.83
C GLY B 65 -6.23 0.78 8.16
N GLY B 66 -6.35 -0.50 8.51
CA GLY B 66 -6.94 -0.82 9.80
C GLY B 66 -8.40 -0.42 9.85
N ASP B 67 -8.82 0.09 11.03
CA ASP B 67 -10.22 0.45 11.23
C ASP B 67 -10.55 1.78 10.58
N LEU B 68 -9.57 2.66 10.39
CA LEU B 68 -9.83 3.87 9.62
C LEU B 68 -10.29 3.51 8.20
N GLY B 69 -9.71 2.45 7.63
CA GLY B 69 -10.21 1.95 6.36
C GLY B 69 -11.68 1.59 6.42
N LYS B 70 -12.14 1.07 7.57
CA LYS B 70 -13.57 0.79 7.73
C LYS B 70 -14.38 2.08 7.73
N ASP B 71 -13.90 3.10 8.44
CA ASP B 71 -14.60 4.39 8.43
C ASP B 71 -14.66 4.97 7.02
N LEU B 72 -13.57 4.82 6.25
CA LEU B 72 -13.58 5.32 4.88
C LEU B 72 -14.57 4.55 4.01
N THR B 73 -14.79 3.27 4.30
CA THR B 73 -15.80 2.52 3.56
C THR B 73 -17.19 3.07 3.82
N GLN B 74 -17.49 3.41 5.08
CA GLN B 74 -18.79 4.00 5.39
C GLN B 74 -18.89 5.41 4.82
N ALA B 75 -17.79 6.16 4.83
CA ALA B 75 -17.79 7.48 4.22
C ALA B 75 -18.05 7.40 2.73
N TRP B 76 -17.51 6.37 2.07
CA TRP B 76 -17.79 6.17 0.65
C TRP B 76 -19.27 5.86 0.42
N ALA B 77 -19.87 5.10 1.34
CA ALA B 77 -21.32 4.88 1.26
C ALA B 77 -22.07 6.20 1.38
N VAL B 78 -21.59 7.09 2.25
CA VAL B 78 -22.19 8.42 2.36
C VAL B 78 -22.02 9.18 1.05
N ALA B 79 -20.82 9.11 0.46
CA ALA B 79 -20.59 9.79 -0.81
C ALA B 79 -21.55 9.26 -1.89
N MET B 80 -21.74 7.94 -1.94
CA MET B 80 -22.69 7.40 -2.90
C MET B 80 -24.12 7.82 -2.57
N ALA B 81 -24.49 7.80 -1.29
CA ALA B 81 -25.85 8.16 -0.90
C ALA B 81 -26.14 9.62 -1.24
N LEU B 82 -25.15 10.50 -1.09
CA LEU B 82 -25.33 11.91 -1.36
C LEU B 82 -24.98 12.30 -2.79
N GLY B 83 -24.43 11.38 -3.58
CA GLY B 83 -24.04 11.71 -4.93
C GLY B 83 -22.94 12.75 -5.01
N VAL B 84 -21.94 12.64 -4.14
CA VAL B 84 -20.85 13.61 -4.10
C VAL B 84 -19.52 12.90 -4.34
N GLU B 85 -19.56 11.75 -5.02
CA GLU B 85 -18.33 11.03 -5.33
C GLU B 85 -17.35 11.93 -6.09
N ASP B 86 -17.87 12.74 -7.03
CA ASP B 86 -17.04 13.59 -7.86
C ASP B 86 -16.65 14.90 -7.17
N LYS B 87 -16.79 14.99 -5.85
CA LYS B 87 -16.38 16.19 -5.13
C LYS B 87 -15.44 15.84 -3.97
N VAL B 88 -15.57 14.64 -3.42
CA VAL B 88 -14.79 14.25 -2.25
C VAL B 88 -13.69 13.24 -2.57
N THR B 89 -13.68 12.67 -3.77
CA THR B 89 -12.71 11.62 -4.09
C THR B 89 -11.28 12.16 -4.00
N VAL B 90 -11.04 13.35 -4.55
CA VAL B 90 -9.70 13.93 -4.58
C VAL B 90 -9.27 14.33 -3.18
N PRO B 91 -10.06 15.11 -2.45
CA PRO B 91 -9.66 15.47 -1.08
C PRO B 91 -9.44 14.26 -0.18
N LEU B 92 -10.12 13.15 -0.44
CA LEU B 92 -9.93 11.94 0.36
C LEU B 92 -8.61 11.25 0.01
N PHE B 93 -8.34 11.08 -1.28
CA PHE B 93 -7.06 10.50 -1.70
C PHE B 93 -5.89 11.34 -1.20
N GLU B 94 -5.92 12.64 -1.45
CA GLU B 94 -4.81 13.50 -1.04
C GLU B 94 -4.73 13.62 0.47
N GLY B 95 -5.89 13.66 1.15
CA GLY B 95 -5.87 13.75 2.60
C GLY B 95 -5.23 12.55 3.27
N VAL B 96 -5.32 11.38 2.64
CA VAL B 96 -4.77 10.15 3.19
C VAL B 96 -3.34 9.92 2.73
N GLN B 97 -3.06 10.14 1.45
CA GLN B 97 -1.77 9.77 0.86
C GLN B 97 -0.85 10.93 0.58
N LYS B 98 -1.38 12.11 0.23
CA LYS B 98 -0.52 13.24 -0.14
C LYS B 98 -0.28 14.17 1.04
N THR B 99 -1.29 14.94 1.41
CA THR B 99 -1.15 15.87 2.53
C THR B 99 -1.12 15.17 3.87
N GLN B 100 -1.70 13.97 3.96
CA GLN B 100 -1.73 13.22 5.21
C GLN B 100 -2.40 14.03 6.32
N THR B 101 -3.52 14.67 5.99
CA THR B 101 -4.33 15.39 6.96
C THR B 101 -5.57 14.60 7.39
N ILE B 102 -5.75 13.39 6.86
CA ILE B 102 -6.87 12.52 7.20
C ILE B 102 -6.31 11.38 8.04
N ARG B 103 -6.40 11.51 9.36
CA ARG B 103 -5.90 10.48 10.27
C ARG B 103 -7.00 9.93 11.18
N SER B 104 -8.25 10.34 10.98
CA SER B 104 -9.33 9.89 11.84
C SER B 104 -10.66 10.16 11.13
N ALA B 105 -11.73 9.65 11.72
CA ALA B 105 -13.05 9.77 11.12
C ALA B 105 -13.48 11.23 11.01
N SER B 106 -13.26 12.01 12.07
CA SER B 106 -13.66 13.42 12.05
C SER B 106 -12.94 14.18 10.95
N ASP B 107 -11.69 13.81 10.65
CA ASP B 107 -11.01 14.40 9.50
C ASP B 107 -11.75 14.09 8.21
N ILE B 108 -12.35 12.90 8.12
CA ILE B 108 -13.16 12.56 6.96
C ILE B 108 -14.38 13.47 6.88
N ARG B 109 -15.08 13.64 8.01
CA ARG B 109 -16.26 14.50 8.02
C ARG B 109 -15.91 15.91 7.58
N ASP B 110 -14.74 16.42 7.99
CA ASP B 110 -14.35 17.77 7.60
C ASP B 110 -14.18 17.88 6.08
N VAL B 111 -13.78 16.79 5.42
CA VAL B 111 -13.67 16.81 3.96
C VAL B 111 -15.03 17.07 3.34
N PHE B 112 -16.05 16.35 3.79
CA PHE B 112 -17.40 16.55 3.26
C PHE B 112 -17.91 17.95 3.59
N ILE B 113 -17.76 18.36 4.86
CA ILE B 113 -18.16 19.71 5.25
C ILE B 113 -17.43 20.74 4.41
N ASN B 114 -16.12 20.55 4.20
CA ASN B 114 -15.36 21.49 3.40
C ASN B 114 -15.83 21.53 1.95
N ALA B 115 -16.44 20.45 1.48
CA ALA B 115 -16.96 20.38 0.11
C ALA B 115 -18.37 20.94 -0.02
N GLY B 116 -18.94 21.49 1.04
CA GLY B 116 -20.25 22.12 0.99
C GLY B 116 -21.36 21.33 1.63
N ILE B 117 -21.13 20.06 1.99
CA ILE B 117 -22.16 19.27 2.65
C ILE B 117 -22.30 19.73 4.09
N LYS B 118 -23.53 19.96 4.52
CA LYS B 118 -23.77 20.38 5.89
C LYS B 118 -23.45 19.26 6.86
N GLY B 119 -22.90 19.63 8.03
CA GLY B 119 -22.50 18.62 9.00
C GLY B 119 -23.66 17.73 9.44
N GLU B 120 -24.84 18.33 9.62
CA GLU B 120 -26.01 17.58 10.06
C GLU B 120 -26.48 16.62 8.96
N GLU B 121 -26.41 17.05 7.69
CA GLU B 121 -26.76 16.16 6.60
C GLU B 121 -25.78 15.00 6.49
N TYR B 122 -24.48 15.28 6.60
CA TYR B 122 -23.51 14.19 6.61
C TYR B 122 -23.76 13.24 7.77
N ASP B 123 -24.04 13.79 8.95
CA ASP B 123 -24.28 12.95 10.12
C ASP B 123 -25.55 12.12 9.94
N ALA B 124 -26.60 12.70 9.35
CA ALA B 124 -27.82 11.96 9.10
C ALA B 124 -27.58 10.84 8.10
N ALA B 125 -26.88 11.14 7.00
CA ALA B 125 -26.54 10.10 6.03
C ALA B 125 -25.63 9.05 6.64
N TRP B 126 -24.64 9.48 7.42
CA TRP B 126 -23.73 8.53 8.06
C TRP B 126 -24.49 7.52 8.89
N ASN B 127 -25.52 7.97 9.61
CA ASN B 127 -26.35 7.11 10.45
C ASN B 127 -27.62 6.65 9.74
N SER B 128 -27.65 6.73 8.42
CA SER B 128 -28.86 6.38 7.67
C SER B 128 -28.92 4.88 7.41
N PHE B 129 -30.13 4.41 7.15
CA PHE B 129 -30.31 3.01 6.77
C PHE B 129 -29.79 2.75 5.36
N VAL B 130 -29.89 3.75 4.48
CA VAL B 130 -29.33 3.61 3.13
C VAL B 130 -27.83 3.36 3.21
N VAL B 131 -27.13 4.09 4.07
CA VAL B 131 -25.69 3.92 4.19
C VAL B 131 -25.37 2.56 4.83
N LYS B 132 -26.10 2.20 5.90
CA LYS B 132 -25.88 0.90 6.53
C LYS B 132 -26.06 -0.23 5.54
N SER B 133 -27.06 -0.11 4.65
CA SER B 133 -27.22 -1.12 3.61
C SER B 133 -26.11 -1.04 2.57
N LEU B 134 -25.67 0.18 2.24
CA LEU B 134 -24.60 0.33 1.26
C LEU B 134 -23.29 -0.27 1.76
N VAL B 135 -23.01 -0.14 3.06
CA VAL B 135 -21.80 -0.73 3.60
C VAL B 135 -21.87 -2.25 3.55
N ALA B 136 -23.03 -2.82 3.85
CA ALA B 136 -23.18 -4.26 3.75
C ALA B 136 -23.03 -4.74 2.32
N GLN B 137 -23.52 -3.96 1.36
CA GLN B 137 -23.36 -4.32 -0.05
C GLN B 137 -21.90 -4.35 -0.45
N GLN B 138 -21.13 -3.33 -0.04
CA GLN B 138 -19.71 -3.31 -0.38
C GLN B 138 -18.97 -4.48 0.23
N GLU B 139 -19.34 -4.87 1.45
CA GLU B 139 -18.67 -6.00 2.10
C GLU B 139 -19.04 -7.32 1.41
N LYS B 140 -20.34 -7.55 1.21
CA LYS B 140 -20.77 -8.79 0.58
C LYS B 140 -20.19 -8.94 -0.81
N ALA B 141 -20.06 -7.82 -1.54
CA ALA B 141 -19.47 -7.89 -2.88
C ALA B 141 -18.02 -8.33 -2.83
N ALA B 142 -17.25 -7.77 -1.89
CA ALA B 142 -15.85 -8.16 -1.78
C ALA B 142 -15.71 -9.64 -1.39
N ALA B 143 -16.56 -10.12 -0.49
CA ALA B 143 -16.52 -11.53 -0.10
C ALA B 143 -16.96 -12.43 -1.24
N ASP B 144 -17.91 -11.98 -2.06
CA ASP B 144 -18.43 -12.82 -3.14
C ASP B 144 -17.33 -13.23 -4.10
N VAL B 145 -16.48 -12.29 -4.48
CA VAL B 145 -15.35 -12.56 -5.36
C VAL B 145 -14.08 -12.89 -4.58
N GLN B 146 -14.19 -13.05 -3.26
CA GLN B 146 -13.02 -13.36 -2.42
C GLN B 146 -11.88 -12.39 -2.68
N LEU B 147 -12.24 -11.10 -2.76
CA LEU B 147 -11.26 -10.06 -3.04
C LEU B 147 -10.12 -10.12 -2.04
N ARG B 148 -8.89 -10.14 -2.55
CA ARG B 148 -7.70 -10.16 -1.72
C ARG B 148 -6.81 -8.94 -1.93
N GLY B 149 -7.15 -8.06 -2.86
CA GLY B 149 -6.33 -6.88 -3.09
C GLY B 149 -7.02 -5.92 -4.03
N VAL B 150 -6.51 -4.69 -4.04
CA VAL B 150 -7.01 -3.64 -4.92
C VAL B 150 -5.82 -2.95 -5.57
N PRO B 151 -6.04 -2.24 -6.69
CA PRO B 151 -7.35 -2.12 -7.35
C PRO B 151 -7.81 -3.41 -8.01
N ALA B 152 -9.08 -3.47 -8.40
CA ALA B 152 -9.63 -4.65 -9.04
C ALA B 152 -10.94 -4.27 -9.71
N MET B 153 -11.23 -4.95 -10.82
CA MET B 153 -12.46 -4.73 -11.58
C MET B 153 -13.00 -6.07 -12.06
N PHE B 154 -14.31 -6.25 -11.95
CA PHE B 154 -14.97 -7.48 -12.35
C PHE B 154 -16.14 -7.15 -13.27
N VAL B 155 -16.29 -7.95 -14.32
CA VAL B 155 -17.33 -7.77 -15.33
C VAL B 155 -18.34 -8.90 -15.17
N ASN B 156 -19.60 -8.52 -14.90
CA ASN B 156 -20.69 -9.49 -14.79
C ASN B 156 -20.37 -10.60 -13.78
N GLY B 157 -19.52 -10.29 -12.80
CA GLY B 157 -19.20 -11.25 -11.76
C GLY B 157 -18.57 -12.53 -12.26
N LYS B 158 -18.10 -12.57 -13.51
CA LYS B 158 -17.50 -13.77 -14.08
C LYS B 158 -16.03 -13.61 -14.40
N TYR B 159 -15.60 -12.43 -14.84
CA TYR B 159 -14.23 -12.18 -15.25
C TYR B 159 -13.60 -11.11 -14.36
N GLN B 160 -12.29 -11.18 -14.22
CA GLN B 160 -11.51 -10.25 -13.42
C GLN B 160 -10.44 -9.61 -14.29
N LEU B 161 -10.49 -8.29 -14.43
CA LEU B 161 -9.47 -7.58 -15.18
C LEU B 161 -8.09 -7.88 -14.58
N ASN B 162 -7.14 -8.23 -15.46
CA ASN B 162 -5.80 -8.63 -15.06
C ASN B 162 -4.80 -7.71 -15.74
N PRO B 163 -4.58 -6.52 -15.19
CA PRO B 163 -3.71 -5.54 -15.88
C PRO B 163 -2.26 -5.98 -15.99
N GLN B 164 -1.78 -6.89 -15.14
CA GLN B 164 -0.38 -7.30 -15.21
C GLN B 164 -0.05 -8.03 -16.51
N GLY B 165 -1.05 -8.56 -17.20
CA GLY B 165 -0.87 -9.22 -18.47
C GLY B 165 -0.97 -8.33 -19.68
N MET B 166 -1.14 -7.02 -19.49
CA MET B 166 -1.27 -6.07 -20.58
C MET B 166 0.06 -5.37 -20.84
N ASP B 167 0.05 -4.43 -21.77
CA ASP B 167 1.23 -3.64 -22.11
C ASP B 167 1.55 -2.70 -20.96
N THR B 168 2.65 -2.96 -20.26
CA THR B 168 3.05 -2.15 -19.11
C THR B 168 3.98 -1.01 -19.48
N SER B 169 4.47 -0.96 -20.72
CA SER B 169 5.35 0.12 -21.14
C SER B 169 4.57 1.36 -21.55
N ASN B 170 3.78 1.25 -22.61
CA ASN B 170 2.98 2.36 -23.10
C ASN B 170 1.73 2.50 -22.24
N MET B 171 1.67 3.57 -21.44
CA MET B 171 0.51 3.78 -20.58
C MET B 171 -0.72 4.15 -21.39
N ASP B 172 -0.54 4.92 -22.46
CA ASP B 172 -1.66 5.25 -23.33
C ASP B 172 -2.27 4.00 -23.95
N VAL B 173 -1.42 3.09 -24.43
CA VAL B 173 -1.92 1.84 -24.98
C VAL B 173 -2.50 0.97 -23.87
N PHE B 174 -1.85 0.96 -22.70
CA PHE B 174 -2.34 0.14 -21.59
C PHE B 174 -3.73 0.59 -21.16
N VAL B 175 -3.94 1.89 -21.02
CA VAL B 175 -5.24 2.40 -20.57
C VAL B 175 -6.34 1.97 -21.51
N GLN B 176 -6.13 2.15 -22.82
CA GLN B 176 -7.13 1.73 -23.79
C GLN B 176 -7.26 0.21 -23.86
N GLN B 177 -6.14 -0.51 -23.70
CA GLN B 177 -6.21 -1.96 -23.61
C GLN B 177 -7.10 -2.38 -22.43
N TYR B 178 -6.92 -1.74 -21.28
CA TYR B 178 -7.79 -2.00 -20.14
C TYR B 178 -9.24 -1.65 -20.47
N ALA B 179 -9.46 -0.48 -21.06
CA ALA B 179 -10.82 -0.07 -21.41
C ALA B 179 -11.43 -0.99 -22.45
N ASP B 180 -10.66 -1.34 -23.48
CA ASP B 180 -11.18 -2.22 -24.52
C ASP B 180 -11.47 -3.61 -23.97
N THR B 181 -10.64 -4.09 -23.03
CA THR B 181 -10.90 -5.39 -22.42
C THR B 181 -12.22 -5.38 -21.67
N VAL B 182 -12.50 -4.30 -20.92
CA VAL B 182 -13.77 -4.18 -20.23
C VAL B 182 -14.92 -4.17 -21.24
N LYS B 183 -14.77 -3.37 -22.31
CA LYS B 183 -15.80 -3.33 -23.35
C LYS B 183 -15.94 -4.68 -24.03
N TYR B 184 -14.85 -5.46 -24.10
CA TYR B 184 -14.92 -6.77 -24.75
C TYR B 184 -15.52 -7.83 -23.84
N LEU B 185 -15.24 -7.77 -22.54
CA LEU B 185 -15.87 -8.71 -21.61
C LEU B 185 -17.34 -8.36 -21.41
N SER B 186 -17.65 -7.07 -21.32
CA SER B 186 -19.03 -6.63 -21.28
C SER B 186 -19.87 -7.32 -22.34
N GLU B 187 -19.32 -7.52 -23.54
CA GLU B 187 -20.09 -8.00 -24.67
C GLU B 187 -20.17 -9.52 -24.76
N LYS B 188 -19.43 -10.25 -23.94
CA LYS B 188 -19.47 -11.71 -23.95
C LYS B 188 -20.86 -12.20 -23.60
#